data_5OS1
#
_entry.id   5OS1
#
_cell.length_a   82.060
_cell.length_b   82.060
_cell.length_c   175.690
_cell.angle_alpha   90.000
_cell.angle_beta   90.000
_cell.angle_gamma   120.000
#
_symmetry.space_group_name_H-M   'P 61 2 2'
#
loop_
_entity.id
_entity.type
_entity.pdbx_description
1 polymer 'Aurora kinase A'
2 non-polymer "ADENOSINE-5'-DIPHOSPHATE"
3 non-polymer 'MAGNESIUM ION'
4 non-polymer 'CHLORIDE ION'
5 non-polymer 6-ethoxy-2-methyl-1,3-benzothiazole
6 water water
#
_entity_poly.entity_id   1
_entity_poly.type   'polypeptide(L)'
_entity_poly.pdbx_seq_one_letter_code
;QWALEDFEIGRPLGKGKFGNVYLAREKQSKFILALKVLFKAQLEKAGVEHQLRREVEIQSHLRHPNILRLYGYFHDATRV
YLILEYAPLGTVYRELQKLSKFDEQRTATYITELANALSYCHSKRVIHRDIKPENLLLGSAGELKIADFGWSVHAPSSRR
T(TPO)LAGTLDYLPPEMIEGRMHDEKVDLWSLGVLCYEFLVGKPPFEANTYQETYKRISRVEFTFPDFVTEGARDLISR
LLKHNPSQRPMLREVLEHPWITANSSKPS
;
_entity_poly.pdbx_strand_id   A
#
loop_
_chem_comp.id
_chem_comp.type
_chem_comp.name
_chem_comp.formula
A7H non-polymer 6-ethoxy-2-methyl-1,3-benzothiazole 'C10 H11 N O S'
ADP non-polymer ADENOSINE-5'-DIPHOSPHATE 'C10 H15 N5 O10 P2'
CL non-polymer 'CHLORIDE ION' 'Cl -1'
MG non-polymer 'MAGNESIUM ION' 'Mg 2'
#
# COMPACT_ATOMS: atom_id res chain seq x y z
N GLN A 1 -13.89 19.30 17.47
CA GLN A 1 -13.31 20.37 16.67
C GLN A 1 -13.96 20.46 15.29
N TRP A 2 -13.38 19.81 14.29
CA TRP A 2 -13.96 19.83 12.93
C TRP A 2 -15.32 19.14 12.89
N ALA A 3 -16.18 19.60 11.97
CA ALA A 3 -17.50 19.00 11.74
C ALA A 3 -17.86 19.12 10.25
N LEU A 4 -18.93 18.46 9.83
CA LEU A 4 -19.24 18.35 8.41
C LEU A 4 -19.55 19.71 7.82
N GLU A 5 -20.20 20.55 8.62
CA GLU A 5 -20.57 21.92 8.29
C GLU A 5 -19.39 22.78 7.83
N ASP A 6 -18.18 22.33 8.14
CA ASP A 6 -17.00 23.13 7.85
C ASP A 6 -16.47 22.94 6.42
N PHE A 7 -17.03 21.97 5.68
CA PHE A 7 -16.51 21.60 4.36
C PHE A 7 -17.57 21.63 3.26
N GLU A 8 -17.15 22.06 2.06
CA GLU A 8 -17.96 21.89 0.86
C GLU A 8 -17.47 20.64 0.14
N ILE A 9 -18.39 19.74 -0.18
CA ILE A 9 -18.05 18.44 -0.72
C ILE A 9 -18.09 18.46 -2.25
N GLY A 10 -17.13 17.77 -2.87
CA GLY A 10 -17.05 17.73 -4.32
C GLY A 10 -17.08 16.32 -4.88
N ARG A 11 -16.33 16.09 -5.94
CA ARG A 11 -16.51 14.84 -6.67
C ARG A 11 -15.90 13.62 -5.95
N PRO A 12 -16.52 12.45 -6.16
CA PRO A 12 -15.99 11.20 -5.61
C PRO A 12 -14.59 10.93 -6.17
N LEU A 13 -13.64 10.62 -5.28
CA LEU A 13 -12.27 10.32 -5.68
C LEU A 13 -12.06 8.82 -5.81
N GLY A 14 -12.79 8.04 -5.02
CA GLY A 14 -12.76 6.60 -5.17
C GLY A 14 -13.55 5.88 -4.11
N LYS A 15 -13.59 4.57 -4.23
CA LYS A 15 -14.35 3.77 -3.28
C LYS A 15 -13.49 2.65 -2.70
N GLY A 16 -13.71 2.32 -1.44
CA GLY A 16 -13.09 1.13 -0.86
C GLY A 16 -14.16 0.26 -0.25
N LYS A 17 -13.74 -0.78 0.45
CA LYS A 17 -14.68 -1.69 1.12
C LYS A 17 -15.54 -0.95 2.15
N PHE A 18 -14.90 -0.12 2.96
CA PHE A 18 -15.62 0.74 3.90
C PHE A 18 -15.53 2.20 3.49
N GLY A 19 -14.36 2.59 2.99
CA GLY A 19 -14.12 3.97 2.60
C GLY A 19 -14.85 4.45 1.35
N ASN A 20 -15.43 5.63 1.45
CA ASN A 20 -16.00 6.33 0.31
C ASN A 20 -15.33 7.69 0.34
N VAL A 21 -14.47 7.99 -0.62
CA VAL A 21 -13.58 9.15 -0.49
C VAL A 21 -13.97 10.29 -1.47
N TYR A 22 -14.06 11.52 -0.95
CA TYR A 22 -14.50 12.71 -1.71
C TYR A 22 -13.49 13.85 -1.66
N LEU A 23 -13.40 14.61 -2.76
CA LEU A 23 -12.73 15.89 -2.77
C LEU A 23 -13.53 16.86 -1.89
N ALA A 24 -12.85 17.73 -1.13
CA ALA A 24 -13.55 18.68 -0.27
C ALA A 24 -12.72 19.96 -0.04
N ARG A 25 -13.39 21.04 0.28
CA ARG A 25 -12.72 22.32 0.54
C ARG A 25 -13.17 22.84 1.89
N GLU A 26 -12.23 23.18 2.76
CA GLU A 26 -12.60 23.76 4.05
C GLU A 26 -13.00 25.22 3.85
N LYS A 27 -14.12 25.61 4.46
CA LYS A 27 -14.81 26.84 4.03
C LYS A 27 -14.09 28.16 4.29
N GLN A 28 -13.47 28.32 5.45
CA GLN A 28 -12.92 29.64 5.75
C GLN A 28 -11.48 29.78 5.26
N SER A 29 -10.76 28.67 5.12
CA SER A 29 -9.39 28.69 4.61
C SER A 29 -9.27 28.38 3.11
N LYS A 30 -10.29 27.76 2.53
CA LYS A 30 -10.30 27.27 1.14
C LYS A 30 -9.29 26.13 0.89
N PHE A 31 -8.80 25.53 1.96
CA PHE A 31 -7.88 24.41 1.86
C PHE A 31 -8.54 23.19 1.22
N ILE A 32 -7.93 22.68 0.16
CA ILE A 32 -8.43 21.50 -0.56
C ILE A 32 -7.83 20.23 0.02
N LEU A 33 -8.69 19.23 0.26
CA LEU A 33 -8.27 18.00 0.92
C LEU A 33 -9.17 16.86 0.46
N ALA A 34 -8.98 15.68 1.07
CA ALA A 34 -9.80 14.52 0.77
C ALA A 34 -10.47 14.05 2.06
N LEU A 35 -11.76 13.76 1.99
CA LEU A 35 -12.53 13.29 3.14
C LEU A 35 -12.88 11.82 2.96
N LYS A 36 -12.37 10.94 3.83
CA LYS A 36 -12.66 9.52 3.78
C LYS A 36 -13.82 9.20 4.73
N VAL A 37 -14.96 8.81 4.17
CA VAL A 37 -16.19 8.58 4.94
C VAL A 37 -16.42 7.09 5.20
N LEU A 38 -16.66 6.74 6.45
CA LEU A 38 -16.96 5.37 6.82
C LEU A 38 -18.28 5.30 7.58
N PHE A 39 -19.07 4.26 7.31
CA PHE A 39 -20.36 4.11 7.97
C PHE A 39 -20.22 3.29 9.26
N LYS A 40 -20.71 3.84 10.38
CA LYS A 40 -20.53 3.18 11.67
C LYS A 40 -21.23 1.82 11.72
N ALA A 41 -22.40 1.72 11.09
CA ALA A 41 -23.13 0.44 11.07
C ALA A 41 -22.28 -0.65 10.44
N GLN A 42 -21.63 -0.33 9.33
CA GLN A 42 -20.75 -1.26 8.65
C GLN A 42 -19.48 -1.57 9.45
N LEU A 43 -18.93 -0.55 10.12
CA LEU A 43 -17.74 -0.76 10.97
C LEU A 43 -18.05 -1.70 12.15
N GLU A 44 -19.22 -1.51 12.76
CA GLU A 44 -19.58 -2.31 13.93
C GLU A 44 -19.94 -3.74 13.54
N LYS A 45 -20.61 -3.88 12.41
CA LYS A 45 -20.95 -5.19 11.87
C LYS A 45 -19.70 -6.04 11.64
N ALA A 46 -18.70 -5.47 10.99
CA ALA A 46 -17.48 -6.20 10.65
C ALA A 46 -16.52 -6.29 11.84
N GLY A 47 -16.80 -5.54 12.91
CA GLY A 47 -15.96 -5.53 14.10
C GLY A 47 -14.56 -4.99 13.89
N VAL A 48 -14.44 -3.92 13.10
CA VAL A 48 -13.12 -3.39 12.75
C VAL A 48 -12.84 -1.98 13.31
N GLU A 49 -13.47 -1.64 14.43
CA GLU A 49 -13.20 -0.38 15.12
C GLU A 49 -11.72 -0.25 15.48
N HIS A 50 -11.11 -1.34 15.94
CA HIS A 50 -9.71 -1.32 16.32
C HIS A 50 -8.80 -1.00 15.12
N GLN A 51 -9.16 -1.47 13.92
CA GLN A 51 -8.39 -1.16 12.71
C GLN A 51 -8.40 0.34 12.37
N LEU A 52 -9.56 0.96 12.48
CA LEU A 52 -9.69 2.39 12.25
C LEU A 52 -8.92 3.22 13.28
N ARG A 53 -8.95 2.81 14.55
CA ARG A 53 -8.19 3.55 15.56
C ARG A 53 -6.71 3.48 15.25
N ARG A 54 -6.25 2.31 14.80
CA ARG A 54 -4.84 2.16 14.43
C ARG A 54 -4.49 3.02 13.21
N GLU A 55 -5.38 3.03 12.22
CA GLU A 55 -5.20 3.86 11.04
C GLU A 55 -4.94 5.33 11.44
N VAL A 56 -5.82 5.88 12.26
CA VAL A 56 -5.67 7.27 12.73
C VAL A 56 -4.40 7.47 13.56
N GLU A 57 -4.22 6.66 14.59
CA GLU A 57 -3.07 6.78 15.47
C GLU A 57 -1.72 6.63 14.76
N ILE A 58 -1.57 5.60 13.94
CA ILE A 58 -0.31 5.35 13.25
C ILE A 58 -0.01 6.42 12.19
N GLN A 59 -0.99 6.66 11.32
CA GLN A 59 -0.75 7.51 10.15
C GLN A 59 -0.62 9.00 10.51
N SER A 60 -1.29 9.45 11.56
CA SER A 60 -1.25 10.88 11.93
C SER A 60 0.10 11.32 12.50
N HIS A 61 0.88 10.39 13.03
CA HIS A 61 2.18 10.75 13.60
C HIS A 61 3.36 10.56 12.62
N LEU A 62 3.15 9.84 11.53
CA LEU A 62 4.20 9.69 10.52
C LEU A 62 4.38 10.98 9.72
N ARG A 63 5.63 11.35 9.45
CA ARG A 63 5.94 12.50 8.59
C ARG A 63 7.08 12.16 7.62
N HIS A 64 6.70 11.92 6.37
CA HIS A 64 7.62 11.56 5.30
C HIS A 64 7.00 11.97 3.97
N PRO A 65 7.83 12.50 3.03
CA PRO A 65 7.35 12.95 1.71
C PRO A 65 6.64 11.87 0.89
N ASN A 66 6.98 10.60 1.11
CA ASN A 66 6.38 9.50 0.38
C ASN A 66 5.31 8.74 1.19
N ILE A 67 4.80 9.38 2.24
CA ILE A 67 3.66 8.82 2.99
C ILE A 67 2.53 9.86 3.05
N LEU A 68 1.31 9.45 2.74
CA LEU A 68 0.16 10.36 2.75
C LEU A 68 -0.14 10.87 4.17
N ARG A 69 -0.37 12.18 4.30
CA ARG A 69 -0.72 12.77 5.61
C ARG A 69 -2.16 12.48 6.02
N LEU A 70 -2.36 12.21 7.31
CA LEU A 70 -3.69 12.27 7.91
C LEU A 70 -3.71 13.39 8.94
N TYR A 71 -4.63 14.35 8.77
CA TYR A 71 -4.66 15.56 9.58
C TYR A 71 -5.56 15.47 10.82
N GLY A 72 -6.57 14.61 10.77
CA GLY A 72 -7.53 14.54 11.86
C GLY A 72 -8.78 13.77 11.50
N TYR A 73 -9.75 13.78 12.40
CA TYR A 73 -11.00 13.06 12.18
C TYR A 73 -12.12 13.67 13.00
N PHE A 74 -13.35 13.41 12.57
CA PHE A 74 -14.53 13.79 13.36
C PHE A 74 -15.62 12.76 13.04
N HIS A 75 -16.76 12.85 13.71
CA HIS A 75 -17.82 11.89 13.48
C HIS A 75 -19.18 12.38 13.93
N ASP A 76 -20.23 11.84 13.32
CA ASP A 76 -21.60 12.14 13.74
C ASP A 76 -22.34 10.85 14.07
N ALA A 77 -23.67 10.89 14.10
CA ALA A 77 -24.45 9.75 14.58
C ALA A 77 -24.35 8.53 13.67
N THR A 78 -23.93 8.70 12.41
CA THR A 78 -23.93 7.57 11.49
C THR A 78 -22.59 7.34 10.78
N ARG A 79 -21.69 8.32 10.84
CA ARG A 79 -20.51 8.26 10.01
C ARG A 79 -19.24 8.71 10.73
N VAL A 80 -18.10 8.16 10.30
CA VAL A 80 -16.80 8.66 10.73
C VAL A 80 -16.09 9.26 9.51
N TYR A 81 -15.41 10.39 9.71
CA TYR A 81 -14.75 11.11 8.62
C TYR A 81 -13.25 11.28 8.90
N LEU A 82 -12.39 10.78 8.02
CA LEU A 82 -10.94 11.00 8.14
C LEU A 82 -10.50 12.13 7.21
N ILE A 83 -9.76 13.10 7.74
CA ILE A 83 -9.29 14.23 6.95
C ILE A 83 -7.88 13.95 6.40
N LEU A 84 -7.79 13.76 5.09
CA LEU A 84 -6.55 13.35 4.44
C LEU A 84 -5.96 14.38 3.49
N GLU A 85 -4.65 14.32 3.32
CA GLU A 85 -3.98 15.01 2.21
C GLU A 85 -4.56 14.53 0.87
N TYR A 86 -4.87 15.48 -0.02
CA TYR A 86 -5.38 15.17 -1.36
C TYR A 86 -4.22 14.85 -2.32
N ALA A 87 -4.33 13.72 -3.01
CA ALA A 87 -3.33 13.24 -3.97
C ALA A 87 -3.81 13.50 -5.38
N PRO A 88 -3.29 14.54 -6.05
CA PRO A 88 -4.00 14.99 -7.25
C PRO A 88 -3.78 14.15 -8.51
N LEU A 89 -2.78 13.25 -8.54
CA LEU A 89 -2.57 12.48 -9.77
C LEU A 89 -3.11 11.05 -9.68
N GLY A 90 -3.85 10.74 -8.62
CA GLY A 90 -4.61 9.50 -8.58
C GLY A 90 -3.82 8.30 -8.08
N THR A 91 -4.22 7.09 -8.50
CA THR A 91 -3.58 5.87 -8.00
C THR A 91 -2.62 5.27 -9.01
N VAL A 92 -1.61 4.58 -8.50
CA VAL A 92 -0.73 3.78 -9.35
C VAL A 92 -1.53 2.74 -10.10
N TYR A 93 -2.54 2.16 -9.44
CA TYR A 93 -3.49 1.24 -10.09
C TYR A 93 -4.08 1.78 -11.41
N ARG A 94 -4.63 2.99 -11.36
CA ARG A 94 -5.19 3.62 -12.56
C ARG A 94 -4.14 3.83 -13.65
N GLU A 95 -2.93 4.18 -13.23
CA GLU A 95 -1.81 4.42 -14.15
C GLU A 95 -1.38 3.13 -14.88
N LEU A 96 -1.36 2.03 -14.13
CA LEU A 96 -1.02 0.73 -14.66
C LEU A 96 -2.08 0.24 -15.63
N GLN A 97 -3.34 0.54 -15.35
CA GLN A 97 -4.34 0.06 -16.29
C GLN A 97 -4.35 0.92 -17.55
N LYS A 98 -3.93 2.17 -17.44
CA LYS A 98 -3.79 3.03 -18.63
C LYS A 98 -2.66 2.56 -19.56
N LEU A 99 -1.51 2.18 -18.98
CA LEU A 99 -0.30 1.92 -19.76
C LEU A 99 -0.04 0.43 -20.00
N SER A 100 -0.72 -0.43 -19.24
CA SER A 100 -0.55 -1.90 -19.25
C SER A 100 0.68 -2.36 -18.47
N LYS A 101 1.84 -1.79 -18.79
CA LYS A 101 3.10 -2.13 -18.11
C LYS A 101 3.93 -0.86 -17.92
N PHE A 102 4.81 -0.85 -16.93
CA PHE A 102 5.74 0.27 -16.78
C PHE A 102 7.13 -0.10 -17.37
N ASP A 103 7.86 0.88 -17.90
CA ASP A 103 9.25 0.63 -18.34
C ASP A 103 10.15 0.50 -17.12
N GLU A 104 11.43 0.22 -17.36
CA GLU A 104 12.35 -0.06 -16.26
C GLU A 104 12.66 1.18 -15.40
N GLN A 105 12.70 2.36 -16.03
CA GLN A 105 13.00 3.60 -15.30
C GLN A 105 11.84 4.00 -14.36
N ARG A 106 10.62 3.94 -14.87
CA ARG A 106 9.45 4.22 -14.04
C ARG A 106 9.33 3.24 -12.87
N THR A 107 9.53 1.96 -13.15
CA THR A 107 9.45 0.92 -12.12
C THR A 107 10.48 1.12 -11.00
N ALA A 108 11.74 1.30 -11.39
CA ALA A 108 12.82 1.44 -10.39
C ALA A 108 12.63 2.69 -9.53
N THR A 109 12.11 3.76 -10.13
CA THR A 109 11.87 5.01 -9.41
C THR A 109 10.75 4.83 -8.37
N TYR A 110 9.66 4.17 -8.75
CA TYR A 110 8.59 3.86 -7.82
C TYR A 110 9.10 2.95 -6.67
N ILE A 111 9.96 1.99 -7.00
CA ILE A 111 10.49 1.06 -6.00
C ILE A 111 11.39 1.78 -4.99
N THR A 112 12.22 2.70 -5.48
CA THR A 112 13.01 3.56 -4.61
C THR A 112 12.14 4.38 -3.65
N GLU A 113 11.09 4.99 -4.17
CA GLU A 113 10.22 5.82 -3.33
C GLU A 113 9.55 4.97 -2.26
N LEU A 114 9.03 3.82 -2.67
CA LEU A 114 8.41 2.83 -1.77
C LEU A 114 9.39 2.36 -0.67
N ALA A 115 10.63 2.03 -1.07
CA ALA A 115 11.62 1.57 -0.09
C ALA A 115 12.05 2.67 0.89
N ASN A 116 12.11 3.92 0.42
CA ASN A 116 12.35 5.05 1.33
C ASN A 116 11.25 5.20 2.38
N ALA A 117 10.01 5.18 1.93
CA ALA A 117 8.87 5.29 2.83
C ALA A 117 8.84 4.11 3.82
N LEU A 118 9.05 2.90 3.32
CA LEU A 118 9.02 1.70 4.15
C LEU A 118 10.17 1.69 5.16
N SER A 119 11.33 2.19 4.75
CA SER A 119 12.46 2.26 5.69
C SER A 119 12.14 3.15 6.88
N TYR A 120 11.46 4.27 6.62
CA TYR A 120 11.03 5.18 7.69
C TYR A 120 10.01 4.49 8.59
N CYS A 121 9.04 3.79 8.00
CA CYS A 121 8.03 3.05 8.77
C CYS A 121 8.67 1.99 9.67
N HIS A 122 9.58 1.20 9.08
CA HIS A 122 10.22 0.12 9.82
C HIS A 122 11.15 0.65 10.92
N SER A 123 11.65 1.88 10.80
CA SER A 123 12.48 2.41 11.89
C SER A 123 11.63 2.65 13.15
N LYS A 124 10.31 2.65 13.01
CA LYS A 124 9.42 2.76 14.17
C LYS A 124 8.72 1.44 14.47
N ARG A 125 9.20 0.38 13.83
CA ARG A 125 8.62 -0.96 13.93
C ARG A 125 7.16 -0.97 13.49
N VAL A 126 6.82 -0.07 12.55
CA VAL A 126 5.50 -0.07 11.92
C VAL A 126 5.54 -0.90 10.64
N ILE A 127 4.65 -1.88 10.52
CA ILE A 127 4.52 -2.60 9.26
C ILE A 127 3.16 -2.31 8.64
N HIS A 128 3.14 -2.16 7.32
CA HIS A 128 1.94 -1.66 6.64
C HIS A 128 0.98 -2.80 6.36
N ARG A 129 1.53 -3.90 5.81
CA ARG A 129 0.83 -5.16 5.52
C ARG A 129 -0.26 -5.11 4.43
N ASP A 130 -0.44 -3.98 3.74
CA ASP A 130 -1.49 -3.93 2.69
C ASP A 130 -1.03 -3.07 1.51
N ILE A 131 0.24 -3.22 1.18
CA ILE A 131 0.86 -2.54 0.04
C ILE A 131 0.39 -3.15 -1.27
N LYS A 132 -0.28 -2.35 -2.07
CA LYS A 132 -0.82 -2.79 -3.37
C LYS A 132 -1.18 -1.55 -4.17
N PRO A 133 -1.32 -1.68 -5.50
CA PRO A 133 -1.45 -0.50 -6.36
C PRO A 133 -2.59 0.46 -5.99
N GLU A 134 -3.74 -0.03 -5.51
CA GLU A 134 -4.88 0.85 -5.25
C GLU A 134 -4.65 1.69 -3.97
N ASN A 135 -3.64 1.31 -3.18
CA ASN A 135 -3.26 2.05 -1.98
C ASN A 135 -1.97 2.89 -2.15
N LEU A 136 -1.51 3.06 -3.38
CA LEU A 136 -0.34 3.92 -3.64
C LEU A 136 -0.78 5.13 -4.48
N LEU A 137 -0.65 6.33 -3.93
CA LEU A 137 -1.23 7.51 -4.59
C LEU A 137 -0.11 8.39 -5.16
N LEU A 138 -0.47 9.34 -6.00
CA LEU A 138 0.52 10.16 -6.68
C LEU A 138 0.33 11.65 -6.41
N GLY A 139 1.41 12.30 -5.98
CA GLY A 139 1.39 13.73 -5.71
C GLY A 139 1.51 14.57 -6.97
N SER A 140 1.59 15.89 -6.79
CA SER A 140 1.53 16.83 -7.92
C SER A 140 2.75 16.78 -8.85
N ALA A 141 3.85 16.22 -8.36
CA ALA A 141 5.04 16.06 -9.20
C ALA A 141 5.20 14.61 -9.62
N GLY A 142 4.13 13.84 -9.44
CA GLY A 142 4.11 12.44 -9.81
C GLY A 142 4.80 11.51 -8.82
N GLU A 143 5.12 12.01 -7.63
CA GLU A 143 5.81 11.20 -6.64
C GLU A 143 4.86 10.23 -5.92
N LEU A 144 5.34 9.02 -5.65
CA LEU A 144 4.53 7.99 -5.01
C LEU A 144 4.30 8.28 -3.52
N LYS A 145 3.09 8.06 -3.03
CA LYS A 145 2.81 8.17 -1.60
C LYS A 145 2.04 6.94 -1.09
N ILE A 146 2.55 6.28 -0.04
CA ILE A 146 1.81 5.17 0.58
C ILE A 146 0.61 5.67 1.39
N ALA A 147 -0.54 5.02 1.21
CA ALA A 147 -1.75 5.38 1.91
C ALA A 147 -2.48 4.16 2.47
N ASP A 148 -3.63 4.38 3.13
CA ASP A 148 -4.50 3.31 3.65
C ASP A 148 -3.82 2.43 4.70
N PHE A 149 -3.72 2.96 5.92
CA PHE A 149 -3.01 2.28 7.01
C PHE A 149 -3.95 1.46 7.90
N GLY A 150 -5.11 1.06 7.37
CA GLY A 150 -6.06 0.31 8.18
C GLY A 150 -5.58 -1.06 8.65
N TRP A 151 -4.66 -1.67 7.90
CA TRP A 151 -4.10 -2.97 8.31
C TRP A 151 -2.75 -2.87 9.02
N SER A 152 -2.26 -1.66 9.24
CA SER A 152 -0.91 -1.50 9.81
C SER A 152 -0.87 -1.85 11.29
N VAL A 153 0.29 -2.32 11.75
CA VAL A 153 0.49 -2.71 13.15
C VAL A 153 1.93 -2.52 13.64
N HIS A 154 2.17 -2.90 14.89
CA HIS A 154 3.52 -2.97 15.43
C HIS A 154 4.01 -4.42 15.48
N ALA A 155 5.16 -4.67 14.88
CA ALA A 155 5.76 -5.99 14.86
C ALA A 155 6.40 -6.32 16.21
N PRO A 156 6.45 -7.62 16.58
CA PRO A 156 5.90 -8.78 15.85
C PRO A 156 4.39 -8.91 16.06
N SER A 157 3.70 -9.69 15.22
CA SER A 157 2.24 -9.72 15.30
C SER A 157 1.63 -11.04 14.80
N SER A 158 0.40 -11.28 15.22
CA SER A 158 -0.44 -12.32 14.60
C SER A 158 -1.52 -11.64 13.78
N ARG A 159 -2.56 -12.39 13.44
CA ARG A 159 -3.71 -11.78 12.78
C ARG A 159 -5.00 -12.17 13.50
N ARG A 160 -5.77 -11.15 13.91
CA ARG A 160 -7.02 -11.37 14.64
C ARG A 160 -8.24 -10.99 13.80
N THR A 161 -7.99 -10.60 12.55
CA THR A 161 -9.04 -10.14 11.65
C THR A 161 -9.09 -10.95 10.36
N TPO A 162 -10.30 -11.22 9.88
CA TPO A 162 -10.53 -12.01 8.68
CB TPO A 162 -12.04 -12.28 8.51
CG2 TPO A 162 -12.33 -12.95 7.16
OG1 TPO A 162 -12.54 -13.10 9.60
P TPO A 162 -13.61 -12.25 10.47
O1P TPO A 162 -12.95 -10.87 10.96
O2P TPO A 162 -14.79 -11.93 9.63
O3P TPO A 162 -14.07 -13.10 11.76
C TPO A 162 -9.95 -11.35 7.41
O TPO A 162 -10.18 -10.15 7.18
N LEU A 163 -9.19 -12.11 6.64
CA LEU A 163 -8.68 -11.64 5.34
C LEU A 163 -9.83 -11.50 4.34
N ALA A 164 -10.10 -10.27 3.93
CA ALA A 164 -11.27 -9.97 3.11
C ALA A 164 -11.14 -10.46 1.66
N GLY A 165 -10.39 -9.73 0.85
CA GLY A 165 -10.36 -9.94 -0.58
C GLY A 165 -9.19 -10.73 -1.14
N THR A 166 -8.39 -10.07 -1.97
CA THR A 166 -7.35 -10.76 -2.73
C THR A 166 -6.15 -11.22 -1.88
N LEU A 167 -5.68 -12.43 -2.16
CA LEU A 167 -4.46 -12.89 -1.51
C LEU A 167 -3.21 -12.40 -2.22
N ASP A 168 -3.36 -11.68 -3.32
CA ASP A 168 -2.26 -11.56 -4.29
C ASP A 168 -0.96 -10.95 -3.76
N TYR A 169 -1.03 -10.10 -2.74
CA TYR A 169 0.17 -9.37 -2.31
C TYR A 169 0.72 -9.90 -0.98
N LEU A 170 0.09 -10.94 -0.43
CA LEU A 170 0.45 -11.43 0.90
C LEU A 170 1.47 -12.58 0.85
N PRO A 171 2.41 -12.60 1.81
CA PRO A 171 3.42 -13.67 1.91
C PRO A 171 2.86 -14.96 2.50
N PRO A 172 3.60 -16.06 2.39
CA PRO A 172 3.14 -17.34 2.94
C PRO A 172 2.83 -17.30 4.44
N GLU A 173 3.70 -16.65 5.22
CA GLU A 173 3.52 -16.67 6.68
C GLU A 173 2.22 -15.97 7.06
N MET A 174 1.82 -15.01 6.23
CA MET A 174 0.63 -14.25 6.50
C MET A 174 -0.65 -15.01 6.11
N ILE A 175 -0.65 -15.64 4.94
CA ILE A 175 -1.85 -16.36 4.52
C ILE A 175 -2.04 -17.67 5.29
N GLU A 176 -0.94 -18.26 5.74
CA GLU A 176 -1.00 -19.47 6.56
C GLU A 176 -1.36 -19.14 8.01
N GLY A 177 -1.62 -17.86 8.26
CA GLY A 177 -2.04 -17.39 9.57
C GLY A 177 -0.95 -17.53 10.61
N ARG A 178 0.29 -17.62 10.16
CA ARG A 178 1.41 -17.81 11.07
C ARG A 178 1.94 -16.49 11.62
N MET A 179 3.03 -16.58 12.37
CA MET A 179 3.65 -15.43 13.00
C MET A 179 4.45 -14.60 11.99
N HIS A 180 4.35 -13.27 12.05
CA HIS A 180 5.04 -12.43 11.04
C HIS A 180 5.65 -11.11 11.57
N ASP A 181 6.48 -10.47 10.74
CA ASP A 181 7.17 -9.24 11.14
C ASP A 181 7.38 -8.32 9.93
N GLU A 182 8.34 -7.41 10.03
CA GLU A 182 8.59 -6.41 8.97
C GLU A 182 8.85 -7.01 7.58
N LYS A 183 9.32 -8.24 7.55
CA LYS A 183 9.68 -8.85 6.26
C LYS A 183 8.45 -9.05 5.36
N VAL A 184 7.24 -8.92 5.91
CA VAL A 184 6.06 -9.05 5.06
C VAL A 184 6.05 -7.95 4.01
N ASP A 185 6.46 -6.74 4.37
CA ASP A 185 6.41 -5.64 3.42
C ASP A 185 7.46 -5.86 2.34
N LEU A 186 8.54 -6.57 2.65
CA LEU A 186 9.54 -6.82 1.62
C LEU A 186 9.04 -7.79 0.56
N TRP A 187 8.31 -8.83 0.98
CA TRP A 187 7.63 -9.71 0.02
C TRP A 187 6.70 -8.93 -0.91
N SER A 188 5.85 -8.08 -0.34
CA SER A 188 4.93 -7.26 -1.15
C SER A 188 5.64 -6.37 -2.15
N LEU A 189 6.78 -5.84 -1.76
CA LEU A 189 7.60 -5.01 -2.64
C LEU A 189 8.07 -5.81 -3.87
N GLY A 190 8.39 -7.08 -3.65
CA GLY A 190 8.70 -8.01 -4.75
C GLY A 190 7.55 -8.25 -5.70
N VAL A 191 6.38 -8.55 -5.15
CA VAL A 191 5.16 -8.71 -5.97
C VAL A 191 4.89 -7.47 -6.84
N LEU A 192 5.05 -6.28 -6.23
CA LEU A 192 4.80 -5.01 -6.93
C LEU A 192 5.80 -4.79 -8.07
N CYS A 193 7.07 -5.02 -7.78
CA CYS A 193 8.09 -4.89 -8.83
C CYS A 193 7.77 -5.78 -10.04
N TYR A 194 7.36 -7.01 -9.79
CA TYR A 194 6.95 -7.89 -10.88
C TYR A 194 5.74 -7.34 -11.59
N GLU A 195 4.72 -6.94 -10.83
CA GLU A 195 3.47 -6.47 -11.47
C GLU A 195 3.71 -5.21 -12.32
N PHE A 196 4.56 -4.30 -11.82
CA PHE A 196 4.89 -3.07 -12.56
C PHE A 196 5.50 -3.41 -13.94
N LEU A 197 6.45 -4.36 -13.95
CA LEU A 197 7.14 -4.72 -15.21
C LEU A 197 6.32 -5.60 -16.16
N VAL A 198 5.49 -6.50 -15.61
CA VAL A 198 4.80 -7.52 -16.41
C VAL A 198 3.32 -7.18 -16.69
N GLY A 199 2.66 -6.48 -15.77
CA GLY A 199 1.27 -6.09 -15.99
C GLY A 199 0.28 -6.85 -15.13
N LYS A 200 0.76 -7.88 -14.46
CA LYS A 200 -0.06 -8.68 -13.53
C LYS A 200 0.83 -9.25 -12.45
N PRO A 201 0.23 -9.49 -11.26
CA PRO A 201 1.03 -10.04 -10.15
C PRO A 201 1.43 -11.51 -10.38
N PRO A 202 2.56 -11.94 -9.78
CA PRO A 202 3.17 -13.22 -10.17
C PRO A 202 2.45 -14.48 -9.73
N PHE A 203 1.52 -14.40 -8.78
CA PHE A 203 0.81 -15.60 -8.31
C PHE A 203 -0.67 -15.58 -8.68
N GLU A 204 -1.04 -14.70 -9.60
CA GLU A 204 -2.44 -14.54 -10.01
C GLU A 204 -3.05 -15.84 -10.52
N ALA A 205 -4.32 -16.05 -10.20
CA ALA A 205 -5.05 -17.24 -10.63
C ALA A 205 -6.56 -17.05 -10.52
N ASN A 206 -7.31 -18.02 -11.04
CA ASN A 206 -8.75 -17.89 -11.19
C ASN A 206 -9.55 -18.14 -9.90
N THR A 207 -8.91 -18.78 -8.93
CA THR A 207 -9.57 -19.06 -7.65
C THR A 207 -8.66 -18.74 -6.46
N TYR A 208 -9.30 -18.48 -5.33
CA TYR A 208 -8.65 -18.30 -4.04
C TYR A 208 -7.77 -19.50 -3.72
N GLN A 209 -8.37 -20.67 -3.87
CA GLN A 209 -7.74 -21.91 -3.48
C GLN A 209 -6.42 -22.14 -4.21
N GLU A 210 -6.41 -21.85 -5.50
CA GLU A 210 -5.23 -22.03 -6.31
CA GLU A 210 -5.22 -22.04 -6.31
C GLU A 210 -4.20 -20.90 -6.10
N THR A 211 -4.68 -19.70 -5.84
CA THR A 211 -3.75 -18.60 -5.56
C THR A 211 -2.96 -18.89 -4.28
N TYR A 212 -3.67 -19.44 -3.30
CA TYR A 212 -3.10 -19.85 -2.04
C TYR A 212 -1.99 -20.85 -2.29
N LYS A 213 -2.26 -21.80 -3.19
CA LYS A 213 -1.30 -22.83 -3.59
C LYS A 213 -0.05 -22.23 -4.23
N ARG A 214 -0.22 -21.35 -5.22
CA ARG A 214 0.93 -20.72 -5.89
C ARG A 214 1.79 -19.88 -4.93
N ILE A 215 1.14 -19.18 -4.00
CA ILE A 215 1.88 -18.40 -3.01
C ILE A 215 2.65 -19.28 -2.04
N SER A 216 1.98 -20.29 -1.47
CA SER A 216 2.66 -21.12 -0.45
C SER A 216 3.86 -21.88 -1.04
N ARG A 217 3.80 -22.18 -2.35
CA ARG A 217 4.91 -22.89 -3.00
C ARG A 217 5.88 -21.98 -3.77
N VAL A 218 5.60 -20.69 -3.73
CA VAL A 218 6.36 -19.66 -4.46
C VAL A 218 6.53 -20.05 -5.94
N GLU A 219 5.41 -20.30 -6.59
CA GLU A 219 5.43 -20.76 -7.98
C GLU A 219 5.18 -19.58 -8.93
N PHE A 220 6.26 -19.00 -9.45
CA PHE A 220 6.17 -17.92 -10.47
C PHE A 220 7.24 -18.08 -11.55
N THR A 221 6.95 -17.59 -12.75
CA THR A 221 7.94 -17.61 -13.84
C THR A 221 7.96 -16.21 -14.51
N PHE A 222 9.01 -15.94 -15.29
CA PHE A 222 9.24 -14.64 -15.93
C PHE A 222 9.01 -14.67 -17.44
N PRO A 223 8.28 -13.68 -17.97
CA PRO A 223 8.24 -13.52 -19.43
C PRO A 223 9.62 -13.19 -20.00
N ASP A 224 9.88 -13.45 -21.28
CA ASP A 224 11.21 -13.28 -21.85
C ASP A 224 11.77 -11.86 -21.73
N PHE A 225 10.90 -10.86 -21.72
CA PHE A 225 11.37 -9.47 -21.78
C PHE A 225 11.89 -8.92 -20.43
N VAL A 226 11.63 -9.62 -19.32
CA VAL A 226 12.17 -9.17 -18.04
C VAL A 226 13.68 -9.40 -18.00
N THR A 227 14.46 -8.36 -17.75
CA THR A 227 15.92 -8.43 -17.82
C THR A 227 16.54 -9.15 -16.62
N GLU A 228 17.82 -9.47 -16.73
CA GLU A 228 18.50 -10.26 -15.70
C GLU A 228 18.60 -9.50 -14.38
N GLY A 229 18.78 -8.19 -14.44
CA GLY A 229 18.85 -7.38 -13.22
C GLY A 229 17.54 -7.40 -12.45
N ALA A 230 16.44 -7.22 -13.18
CA ALA A 230 15.11 -7.24 -12.55
C ALA A 230 14.81 -8.62 -11.94
N ARG A 231 15.11 -9.67 -12.69
CA ARG A 231 14.96 -11.05 -12.20
C ARG A 231 15.70 -11.30 -10.89
N ASP A 232 16.94 -10.82 -10.81
CA ASP A 232 17.74 -10.96 -9.60
C ASP A 232 17.07 -10.28 -8.39
N LEU A 233 16.64 -9.04 -8.57
CA LEU A 233 15.99 -8.32 -7.47
C LEU A 233 14.71 -9.03 -7.01
N ILE A 234 13.84 -9.35 -7.96
CA ILE A 234 12.56 -9.98 -7.63
C ILE A 234 12.75 -11.36 -6.97
N SER A 235 13.68 -12.15 -7.48
CA SER A 235 13.98 -13.47 -6.92
C SER A 235 14.49 -13.36 -5.47
N ARG A 236 15.18 -12.27 -5.14
CA ARG A 236 15.70 -12.08 -3.79
C ARG A 236 14.58 -11.72 -2.81
N LEU A 237 13.58 -11.00 -3.29
CA LEU A 237 12.48 -10.54 -2.44
C LEU A 237 11.42 -11.62 -2.19
N LEU A 238 11.17 -12.44 -3.20
CA LEU A 238 10.14 -13.47 -3.11
C LEU A 238 10.72 -14.78 -2.57
N LYS A 239 11.24 -14.73 -1.35
CA LYS A 239 11.81 -15.92 -0.71
C LYS A 239 10.83 -16.44 0.31
N HIS A 240 10.64 -17.76 0.36
CA HIS A 240 9.66 -18.33 1.28
C HIS A 240 10.04 -18.01 2.73
N ASN A 241 11.31 -18.23 3.05
CA ASN A 241 11.84 -17.91 4.39
C ASN A 241 12.06 -16.40 4.53
N PRO A 242 11.29 -15.74 5.41
CA PRO A 242 11.35 -14.28 5.61
C PRO A 242 12.77 -13.78 5.91
N SER A 243 13.51 -14.50 6.76
CA SER A 243 14.84 -14.06 7.17
C SER A 243 15.85 -14.05 6.00
N GLN A 244 15.48 -14.65 4.88
CA GLN A 244 16.33 -14.65 3.69
C GLN A 244 16.05 -13.46 2.78
N ARG A 245 14.96 -12.73 3.05
CA ARG A 245 14.66 -11.55 2.23
C ARG A 245 15.63 -10.43 2.61
N PRO A 246 16.02 -9.59 1.62
CA PRO A 246 17.02 -8.55 1.88
C PRO A 246 16.52 -7.43 2.78
N MET A 247 17.44 -6.67 3.38
CA MET A 247 17.09 -5.44 4.08
C MET A 247 16.80 -4.37 3.05
N LEU A 248 16.14 -3.30 3.47
CA LEU A 248 15.72 -2.29 2.51
C LEU A 248 16.92 -1.51 1.97
N ARG A 249 17.99 -1.40 2.75
CA ARG A 249 19.21 -0.74 2.27
C ARG A 249 19.79 -1.51 1.09
N GLU A 250 19.65 -2.83 1.11
CA GLU A 250 20.13 -3.67 0.01
C GLU A 250 19.29 -3.46 -1.23
N VAL A 251 17.97 -3.30 -1.06
CA VAL A 251 17.12 -2.97 -2.20
C VAL A 251 17.52 -1.64 -2.81
N LEU A 252 17.70 -0.61 -1.97
CA LEU A 252 18.05 0.73 -2.44
C LEU A 252 19.43 0.78 -3.13
N GLU A 253 20.31 -0.14 -2.77
CA GLU A 253 21.66 -0.17 -3.33
C GLU A 253 21.87 -1.26 -4.39
N HIS A 254 20.80 -1.95 -4.79
CA HIS A 254 20.88 -2.99 -5.83
C HIS A 254 21.29 -2.37 -7.17
N PRO A 255 22.24 -3.00 -7.89
CA PRO A 255 22.74 -2.39 -9.13
C PRO A 255 21.66 -2.06 -10.16
N TRP A 256 20.58 -2.83 -10.21
CA TRP A 256 19.52 -2.57 -11.19
C TRP A 256 18.71 -1.33 -10.82
N ILE A 257 18.48 -1.13 -9.52
CA ILE A 257 17.81 0.07 -9.03
C ILE A 257 18.66 1.33 -9.25
N THR A 258 19.95 1.24 -8.92
CA THR A 258 20.83 2.41 -9.06
C THR A 258 21.04 2.79 -10.51
N ALA A 259 20.96 1.81 -11.41
CA ALA A 259 21.14 2.07 -12.83
C ALA A 259 19.91 2.74 -13.45
N ASN A 260 18.73 2.43 -12.92
CA ASN A 260 17.49 2.83 -13.61
C ASN A 260 16.63 3.87 -12.87
N SER A 261 16.79 3.98 -11.54
CA SER A 261 15.99 4.95 -10.78
C SER A 261 16.44 6.38 -11.02
N SER A 262 15.50 7.32 -11.01
CA SER A 262 15.86 8.72 -11.22
C SER A 262 15.80 9.52 -9.92
N LYS A 263 15.63 8.82 -8.80
CA LYS A 263 15.60 9.45 -7.47
C LYS A 263 16.54 8.75 -6.49
N PRO A 264 17.09 9.50 -5.52
CA PRO A 264 18.04 8.93 -4.54
C PRO A 264 17.39 8.36 -3.28
N SER A 265 18.20 7.73 -2.44
CA SER A 265 17.72 7.16 -1.17
C SER A 265 17.48 8.26 -0.13
PB ADP B . -10.19 1.55 1.87
O1B ADP B . -9.71 1.60 3.29
O2B ADP B . -11.68 1.30 1.84
O3B ADP B . -9.37 0.74 0.90
PA ADP B . -8.72 3.88 0.86
O1A ADP B . -8.18 4.87 1.84
O2A ADP B . -7.70 2.93 0.28
O3A ADP B . -10.05 3.10 1.34
O5' ADP B . -9.28 4.78 -0.39
C5' ADP B . -10.09 4.18 -1.43
C4' ADP B . -9.79 4.79 -2.80
O4' ADP B . -10.10 6.19 -2.82
C3' ADP B . -8.32 4.70 -3.16
O3' ADP B . -7.95 3.43 -3.71
C2' ADP B . -8.17 5.88 -4.11
O2' ADP B . -8.71 5.49 -5.39
C1' ADP B . -9.09 6.93 -3.52
N9 ADP B . -8.39 7.81 -2.54
C8 ADP B . -8.24 7.54 -1.23
N7 ADP B . -7.57 8.52 -0.59
C5 ADP B . -7.29 9.47 -1.51
C6 ADP B . -6.62 10.79 -1.47
N6 ADP B . -6.09 11.27 -0.30
N1 ADP B . -6.51 11.47 -2.64
C2 ADP B . -7.03 10.98 -3.79
N3 ADP B . -7.67 9.79 -3.90
C4 ADP B . -7.84 9.01 -2.79
MG MG C . -7.46 0.85 0.18
MG MG D . -8.98 0.38 4.80
CL CL E . -1.52 -10.38 17.86
CL CL F . -5.08 -8.22 12.80
CL CL G . 17.53 -1.01 5.80
C10 A7H H . -18.48 2.88 15.43
C9 A7H H . -17.20 3.62 15.57
C8 A7H H . -13.44 4.61 15.59
C7 A7H H . -14.80 4.37 15.62
C4 A7H H . -13.88 6.84 16.41
C5 A7H H . -15.24 6.60 16.45
C6 A7H H . -15.71 5.34 16.06
C3 A7H H . -12.97 5.85 15.98
C2 A7H H . -11.21 7.41 16.41
C1 A7H H . -9.72 7.51 16.14
O1 A7H H . -11.64 6.12 15.95
S1 A7H H . -15.66 2.95 15.20
N1 A7H H . -17.03 4.88 16.00
#